data_7M1C
#
_entry.id   7M1C
#
_cell.length_a   65.6769
_cell.length_b   65.6769
_cell.length_c   191.907
_cell.angle_alpha   90
_cell.angle_beta   90
_cell.angle_gamma   90
#
_symmetry.space_group_name_H-M   'P 41 21 2'
#
loop_
_entity.id
_entity.type
_entity.pdbx_description
1 polymer '1-32 Fab Heavy Chain'
2 polymer '1-32 Fab Light Chain'
3 water water
#
loop_
_entity_poly.entity_id
_entity_poly.type
_entity_poly.pdbx_seq_one_letter_code
_entity_poly.pdbx_strand_id
1 'polypeptide(L)'
;QVKLVESGGGVVQPGRSLRLSCAGSGFAFDNYAMHWVRQAPGKGLEWVAVISLEGRNKYYAGPAKGRFSISRDNSRNTVH
LQMNSLRPEDTAVYFCARDMRYYYDSNGHYRNRYGMDVWGQGTTVIVSSASTKGPSVFPLAPSSKSTSGGTAALGCLVKD
YFPEPVTVSWNSGALTSGVHTFPAVLQSSGLYSLSSVVTVPSSSLGTQTYICNVNHKPSNTKVDKKVEPKSCDKGLEVLF
Q
;
H
2 'polypeptide(L)'
;DIQMTQSPSSLSASVGDSVTITCQASQDINQFVSWYQQKPGKPPKLLIYDASNLESGVPSRFSGSGSGTHFTFTISSLQP
DDIATYYCQQYENLFTFGPGTKVDIKRTVAAPSVFIFPPSDEQLKSGTASVVCLLNNFYPREAKVQWKVDNALQSGNSQE
SVTEQDSKDSTYSLSSTLTLSKADYEKHKVYACEVTHQGLSSPVTKSFNRGEC
;
L
#
# COMPACT_ATOMS: atom_id res chain seq x y z
N VAL A 2 15.19 -23.09 -4.81
CA VAL A 2 13.76 -23.21 -4.65
C VAL A 2 13.09 -21.92 -5.10
N LYS A 3 11.90 -22.08 -5.67
CA LYS A 3 11.18 -20.96 -6.29
C LYS A 3 9.73 -21.31 -6.56
N LEU A 4 8.84 -20.42 -6.16
CA LEU A 4 7.43 -20.51 -6.52
C LEU A 4 7.10 -19.37 -7.47
N VAL A 5 6.43 -19.69 -8.57
CA VAL A 5 6.10 -18.71 -9.61
C VAL A 5 4.61 -18.77 -9.85
N GLU A 6 3.89 -17.73 -9.41
CA GLU A 6 2.47 -17.64 -9.69
C GLU A 6 2.22 -17.19 -11.12
N SER A 7 1.02 -17.50 -11.60
CA SER A 7 0.57 -17.08 -12.92
C SER A 7 -0.92 -16.80 -12.85
N GLY A 8 -1.50 -16.45 -13.98
CA GLY A 8 -2.86 -15.94 -14.00
C GLY A 8 -2.83 -14.43 -13.79
N GLY A 9 -3.80 -13.90 -13.07
CA GLY A 9 -3.83 -12.47 -12.81
C GLY A 9 -4.46 -11.70 -13.94
N GLY A 10 -5.03 -10.53 -13.64
CA GLY A 10 -5.65 -9.75 -14.67
C GLY A 10 -7.00 -9.17 -14.29
N VAL A 11 -7.56 -8.39 -15.21
CA VAL A 11 -8.85 -7.75 -15.02
C VAL A 11 -9.93 -8.72 -15.49
N VAL A 12 -10.86 -9.08 -14.58
CA VAL A 12 -12.00 -9.91 -14.93
C VAL A 12 -13.24 -9.27 -14.30
N GLN A 13 -14.37 -9.42 -14.99
CA GLN A 13 -15.59 -8.73 -14.58
C GLN A 13 -16.14 -9.32 -13.29
N PRO A 14 -16.80 -8.53 -12.47
CA PRO A 14 -17.49 -9.08 -11.29
C PRO A 14 -18.43 -10.22 -11.68
N GLY A 15 -18.36 -11.31 -10.93
CA GLY A 15 -19.18 -12.47 -11.19
C GLY A 15 -18.59 -13.48 -12.15
N ARG A 16 -17.50 -13.15 -12.84
CA ARG A 16 -16.92 -14.03 -13.84
C ARG A 16 -15.74 -14.80 -13.24
N SER A 17 -15.08 -15.58 -14.09
CA SER A 17 -14.18 -16.63 -13.67
C SER A 17 -12.73 -16.26 -14.00
N LEU A 18 -11.82 -16.90 -13.27
CA LEU A 18 -10.38 -16.76 -13.43
C LEU A 18 -9.75 -17.92 -12.68
N ARG A 19 -8.66 -18.46 -13.24
CA ARG A 19 -7.94 -19.53 -12.58
C ARG A 19 -6.50 -19.10 -12.37
N LEU A 20 -5.99 -19.34 -11.18
CA LEU A 20 -4.60 -19.03 -10.84
C LEU A 20 -3.78 -20.32 -10.78
N SER A 21 -2.52 -20.21 -11.22
CA SER A 21 -1.60 -21.34 -11.24
C SER A 21 -0.33 -20.94 -10.49
N CYS A 22 0.38 -21.96 -10.01
CA CYS A 22 1.58 -21.79 -9.19
C CYS A 22 2.57 -22.91 -9.50
N ALA A 23 3.64 -22.56 -10.22
CA ALA A 23 4.68 -23.53 -10.56
C ALA A 23 5.81 -23.46 -9.54
N GLY A 24 6.21 -24.63 -9.02
CA GLY A 24 7.27 -24.71 -8.03
C GLY A 24 8.53 -25.42 -8.48
N SER A 25 9.62 -24.68 -8.63
CA SER A 25 10.92 -25.26 -8.98
C SER A 25 11.83 -25.30 -7.76
N GLY A 26 12.68 -26.34 -7.71
CA GLY A 26 13.78 -26.40 -6.76
C GLY A 26 13.69 -27.49 -5.71
N PHE A 27 12.58 -28.21 -5.62
CA PHE A 27 12.41 -29.28 -4.64
C PHE A 27 11.31 -30.24 -5.04
N ALA A 28 11.30 -31.38 -4.35
CA ALA A 28 10.21 -32.34 -4.46
C ALA A 28 8.95 -31.68 -3.90
N PHE A 29 7.93 -31.57 -4.75
CA PHE A 29 6.75 -30.79 -4.37
C PHE A 29 5.91 -31.51 -3.34
N ASP A 30 5.92 -32.85 -3.36
CA ASP A 30 5.02 -33.66 -2.55
C ASP A 30 5.37 -33.68 -1.07
N ASN A 31 6.46 -33.03 -0.65
CA ASN A 31 6.85 -33.04 0.75
C ASN A 31 6.12 -32.02 1.59
N TYR A 32 5.53 -31.00 0.97
CA TYR A 32 4.98 -29.88 1.70
C TYR A 32 3.49 -29.72 1.44
N ALA A 33 2.78 -29.23 2.45
CA ALA A 33 1.47 -28.64 2.20
C ALA A 33 1.63 -27.28 1.52
N MET A 34 0.65 -26.88 0.73
CA MET A 34 0.72 -25.62 -0.04
C MET A 34 -0.40 -24.72 0.46
N HIS A 35 -0.14 -23.41 0.40
CA HIS A 35 -1.13 -22.43 0.77
C HIS A 35 -1.38 -21.47 -0.39
N TRP A 36 -2.53 -20.79 -0.35
CA TRP A 36 -2.76 -19.56 -1.11
C TRP A 36 -3.07 -18.48 -0.09
N VAL A 37 -2.35 -17.37 -0.17
CA VAL A 37 -2.54 -16.24 0.73
C VAL A 37 -2.70 -14.99 -0.13
N ARG A 38 -3.68 -14.18 0.21
CA ARG A 38 -3.97 -12.97 -0.55
C ARG A 38 -3.80 -11.72 0.32
N GLN A 39 -3.62 -10.60 -0.37
CA GLN A 39 -3.36 -9.32 0.27
C GLN A 39 -4.05 -8.24 -0.55
N ALA A 40 -5.07 -7.62 0.02
CA ALA A 40 -5.75 -6.51 -0.63
C ALA A 40 -4.83 -5.29 -0.63
N PRO A 41 -5.10 -4.32 -1.50
CA PRO A 41 -4.25 -3.11 -1.50
C PRO A 41 -4.25 -2.43 -0.14
N GLY A 42 -3.06 -2.37 0.47
CA GLY A 42 -2.90 -1.70 1.75
C GLY A 42 -3.43 -2.44 2.96
N LYS A 43 -3.80 -3.71 2.81
CA LYS A 43 -4.33 -4.51 3.91
C LYS A 43 -3.39 -5.66 4.21
N GLY A 44 -3.67 -6.34 5.31
CA GLY A 44 -2.79 -7.39 5.78
C GLY A 44 -3.00 -8.70 5.07
N LEU A 45 -2.09 -9.63 5.38
CA LEU A 45 -2.21 -10.97 4.83
C LEU A 45 -3.53 -11.60 5.26
N GLU A 46 -4.18 -12.27 4.33
CA GLU A 46 -5.39 -13.03 4.64
C GLU A 46 -5.17 -14.44 4.09
N TRP A 47 -5.24 -15.42 4.98
CA TRP A 47 -5.07 -16.81 4.56
C TRP A 47 -6.29 -17.27 3.78
N VAL A 48 -6.07 -17.83 2.60
CA VAL A 48 -7.19 -18.32 1.79
C VAL A 48 -7.47 -19.79 2.06
N ALA A 49 -6.49 -20.66 1.79
CA ALA A 49 -6.75 -22.09 1.87
C ALA A 49 -5.43 -22.84 1.94
N VAL A 50 -5.53 -24.13 2.24
CA VAL A 50 -4.38 -25.04 2.31
C VAL A 50 -4.74 -26.35 1.62
N ILE A 51 -3.73 -27.01 1.05
CA ILE A 51 -3.88 -28.33 0.46
C ILE A 51 -2.85 -29.25 1.13
N SER A 52 -3.32 -30.41 1.61
CA SER A 52 -2.45 -31.38 2.27
C SER A 52 -1.45 -31.97 1.28
N LEU A 53 -0.40 -32.58 1.81
CA LEU A 53 0.76 -32.88 0.97
C LEU A 53 0.38 -33.80 -0.19
N GLU A 54 -0.57 -34.71 0.01
CA GLU A 54 -1.02 -35.58 -1.08
C GLU A 54 -2.47 -35.34 -1.46
N GLY A 55 -3.03 -34.22 -1.02
CA GLY A 55 -4.27 -33.71 -1.56
C GLY A 55 -5.53 -34.19 -0.87
N ARG A 56 -5.42 -34.89 0.26
CA ARG A 56 -6.61 -35.51 0.85
C ARG A 56 -7.40 -34.53 1.71
N ASN A 57 -6.72 -33.60 2.38
CA ASN A 57 -7.36 -32.69 3.33
C ASN A 57 -7.35 -31.28 2.78
N LYS A 58 -8.54 -30.72 2.60
CA LYS A 58 -8.73 -29.35 2.17
C LYS A 58 -9.41 -28.56 3.27
N TYR A 59 -8.98 -27.31 3.44
CA TYR A 59 -9.57 -26.41 4.43
C TYR A 59 -9.49 -25.00 3.85
N TYR A 60 -10.56 -24.24 3.99
CA TYR A 60 -10.64 -22.89 3.46
C TYR A 60 -10.95 -21.91 4.58
N ALA A 61 -10.82 -20.62 4.27
CA ALA A 61 -11.19 -19.57 5.22
C ALA A 61 -12.63 -19.13 4.99
N GLY A 62 -13.16 -18.42 5.98
CA GLY A 62 -14.49 -17.87 5.90
C GLY A 62 -14.79 -17.16 4.59
N PRO A 63 -13.99 -16.13 4.27
CA PRO A 63 -14.32 -15.32 3.08
C PRO A 63 -14.34 -16.13 1.78
N ALA A 64 -13.71 -17.30 1.73
CA ALA A 64 -13.88 -18.18 0.58
C ALA A 64 -15.36 -18.38 0.27
N LYS A 65 -16.13 -18.79 1.28
CA LYS A 65 -17.57 -18.97 1.16
C LYS A 65 -17.93 -19.92 0.02
N GLY A 66 -17.14 -20.99 -0.12
CA GLY A 66 -17.48 -22.05 -1.05
C GLY A 66 -17.28 -21.75 -2.52
N ARG A 67 -16.67 -20.63 -2.86
CA ARG A 67 -16.53 -20.26 -4.27
C ARG A 67 -15.20 -20.68 -4.87
N PHE A 68 -14.17 -20.89 -4.05
CA PHE A 68 -12.86 -21.27 -4.54
C PHE A 68 -12.65 -22.77 -4.39
N SER A 69 -11.66 -23.27 -5.12
CA SER A 69 -11.30 -24.68 -5.10
C SER A 69 -9.81 -24.79 -5.25
N ILE A 70 -9.13 -25.44 -4.30
CA ILE A 70 -7.68 -25.58 -4.29
C ILE A 70 -7.38 -27.04 -4.55
N SER A 71 -6.59 -27.29 -5.61
CA SER A 71 -6.20 -28.64 -5.98
C SER A 71 -4.69 -28.69 -6.12
N ARG A 72 -4.14 -29.81 -6.58
CA ARG A 72 -2.71 -30.03 -6.52
C ARG A 72 -2.36 -31.03 -7.61
N ASP A 73 -1.16 -30.89 -8.14
CA ASP A 73 -0.62 -31.81 -9.14
C ASP A 73 0.81 -32.10 -8.70
N ASN A 74 0.98 -33.17 -7.92
CA ASN A 74 2.29 -33.51 -7.39
C ASN A 74 3.23 -34.00 -8.48
N SER A 75 2.69 -34.37 -9.65
CA SER A 75 3.52 -34.78 -10.78
C SER A 75 4.07 -33.59 -11.55
N ARG A 76 3.28 -32.50 -11.67
CA ARG A 76 3.75 -31.27 -12.29
C ARG A 76 4.19 -30.22 -11.27
N ASN A 77 4.14 -30.54 -9.97
CA ASN A 77 4.65 -29.64 -8.93
C ASN A 77 3.88 -28.33 -8.89
N THR A 78 2.58 -28.36 -9.18
CA THR A 78 1.75 -27.17 -9.29
C THR A 78 0.54 -27.27 -8.38
N VAL A 79 0.10 -26.12 -7.89
CA VAL A 79 -1.19 -25.98 -7.22
C VAL A 79 -2.00 -24.97 -8.00
N HIS A 80 -3.33 -25.12 -7.95
CA HIS A 80 -4.18 -24.18 -8.66
C HIS A 80 -5.24 -23.64 -7.70
N LEU A 81 -5.91 -22.59 -8.16
CA LEU A 81 -6.99 -21.98 -7.39
C LEU A 81 -7.94 -21.34 -8.39
N GLN A 82 -9.05 -22.03 -8.64
CA GLN A 82 -10.06 -21.51 -9.56
C GLN A 82 -11.02 -20.59 -8.82
N MET A 83 -11.29 -19.44 -9.44
CA MET A 83 -12.14 -18.40 -8.89
C MET A 83 -13.29 -18.14 -9.85
N ASN A 84 -14.47 -18.65 -9.52
CA ASN A 84 -15.53 -18.74 -10.53
C ASN A 84 -16.41 -17.50 -10.62
N SER A 85 -16.74 -16.88 -9.48
CA SER A 85 -17.68 -15.75 -9.46
C SER A 85 -17.09 -14.65 -8.57
N LEU A 86 -16.08 -13.98 -9.09
CA LEU A 86 -15.30 -13.05 -8.29
C LEU A 86 -16.09 -11.77 -8.03
N ARG A 87 -15.87 -11.20 -6.86
CA ARG A 87 -16.42 -9.95 -6.39
C ARG A 87 -15.29 -8.94 -6.30
N PRO A 88 -15.56 -7.64 -6.49
CA PRO A 88 -14.47 -6.67 -6.30
C PRO A 88 -13.78 -6.77 -4.97
N GLU A 89 -14.48 -7.23 -3.92
CA GLU A 89 -13.86 -7.49 -2.63
C GLU A 89 -12.72 -8.50 -2.71
N ASP A 90 -12.58 -9.22 -3.82
CA ASP A 90 -11.51 -10.18 -3.98
C ASP A 90 -10.27 -9.60 -4.66
N THR A 91 -10.31 -8.32 -5.05
CA THR A 91 -9.13 -7.67 -5.61
C THR A 91 -7.98 -7.76 -4.61
N ALA A 92 -6.85 -8.29 -5.08
CA ALA A 92 -5.72 -8.50 -4.19
C ALA A 92 -4.55 -9.07 -4.98
N VAL A 93 -3.38 -9.04 -4.36
CA VAL A 93 -2.27 -9.87 -4.78
C VAL A 93 -2.46 -11.26 -4.17
N TYR A 94 -2.25 -12.30 -4.97
CA TYR A 94 -2.46 -13.67 -4.53
C TYR A 94 -1.12 -14.39 -4.47
N PHE A 95 -0.73 -14.83 -3.27
CA PHE A 95 0.58 -15.41 -3.02
C PHE A 95 0.50 -16.92 -2.94
N CYS A 96 1.60 -17.59 -3.29
CA CYS A 96 1.82 -19.01 -3.07
C CYS A 96 2.78 -19.20 -1.89
N ALA A 97 2.56 -20.25 -1.10
CA ALA A 97 3.48 -20.60 -0.04
C ALA A 97 3.40 -22.07 0.27
N ARG A 98 4.55 -22.64 0.66
CA ARG A 98 4.69 -24.03 1.06
C ARG A 98 4.82 -24.12 2.57
N ASP A 99 4.31 -25.22 3.12
CA ASP A 99 4.28 -25.41 4.56
C ASP A 99 4.46 -26.88 4.87
N MET A 100 4.93 -27.14 6.09
CA MET A 100 5.36 -28.46 6.56
C MET A 100 4.37 -29.56 6.16
N GLY A 115 6.37 -23.92 9.10
CA GLY A 115 6.04 -22.56 8.73
C GLY A 115 6.15 -22.34 7.24
N MET A 116 5.56 -21.24 6.77
CA MET A 116 5.59 -20.87 5.36
C MET A 116 6.95 -20.22 5.11
N ASP A 117 7.92 -21.02 4.69
CA ASP A 117 9.28 -20.50 4.50
C ASP A 117 9.52 -19.95 3.11
N VAL A 118 8.90 -20.52 2.08
CA VAL A 118 9.12 -20.14 0.69
C VAL A 118 7.81 -19.59 0.14
N TRP A 119 7.90 -18.43 -0.51
CA TRP A 119 6.74 -17.76 -1.05
C TRP A 119 7.01 -17.43 -2.52
N GLY A 120 5.93 -17.12 -3.25
CA GLY A 120 6.05 -16.58 -4.57
C GLY A 120 5.96 -15.06 -4.58
N GLN A 121 6.35 -14.48 -5.71
CA GLN A 121 6.29 -13.03 -5.86
C GLN A 121 4.86 -12.51 -5.93
N GLY A 122 3.90 -13.38 -6.23
CA GLY A 122 2.49 -13.04 -6.27
C GLY A 122 2.01 -12.60 -7.64
N THR A 123 0.75 -12.90 -7.92
CA THR A 123 0.06 -12.45 -9.12
C THR A 123 -1.20 -11.68 -8.72
N THR A 124 -1.48 -10.61 -9.45
CA THR A 124 -2.51 -9.65 -9.06
C THR A 124 -3.81 -9.92 -9.79
N VAL A 125 -4.89 -10.14 -9.04
CA VAL A 125 -6.22 -10.33 -9.60
C VAL A 125 -6.98 -9.02 -9.46
N ILE A 126 -7.37 -8.42 -10.58
CA ILE A 126 -8.16 -7.20 -10.62
C ILE A 126 -9.57 -7.57 -11.07
N VAL A 127 -10.56 -7.30 -10.22
CA VAL A 127 -11.94 -7.69 -10.51
C VAL A 127 -12.78 -6.42 -10.57
N SER A 128 -13.12 -5.99 -11.78
CA SER A 128 -13.76 -4.70 -11.98
C SER A 128 -14.40 -4.69 -13.36
N SER A 129 -15.49 -3.94 -13.48
CA SER A 129 -16.17 -3.77 -14.75
C SER A 129 -15.64 -2.58 -15.54
N ALA A 130 -14.65 -1.87 -15.02
CA ALA A 130 -14.09 -0.72 -15.71
C ALA A 130 -13.31 -1.16 -16.94
N SER A 131 -13.39 -0.36 -18.00
CA SER A 131 -12.67 -0.63 -19.23
C SER A 131 -11.29 0.01 -19.21
N THR A 132 -10.34 -0.64 -19.88
CA THR A 132 -8.97 -0.14 -19.93
C THR A 132 -8.92 1.28 -20.47
N LYS A 133 -8.18 2.15 -19.76
CA LYS A 133 -8.22 3.58 -20.05
C LYS A 133 -6.92 4.22 -19.60
N GLY A 134 -6.35 5.05 -20.47
CA GLY A 134 -5.13 5.77 -20.19
C GLY A 134 -5.40 7.04 -19.41
N PRO A 135 -4.42 7.49 -18.64
CA PRO A 135 -4.67 8.63 -17.76
C PRO A 135 -4.64 9.97 -18.48
N SER A 136 -5.38 10.91 -17.93
CA SER A 136 -5.25 12.32 -18.27
C SER A 136 -4.27 12.90 -17.27
N VAL A 137 -3.23 13.56 -17.78
CA VAL A 137 -2.17 14.09 -16.94
C VAL A 137 -2.40 15.60 -16.81
N PHE A 138 -2.84 16.03 -15.64
CA PHE A 138 -3.06 17.45 -15.41
C PHE A 138 -1.90 18.04 -14.61
N PRO A 139 -1.49 19.27 -14.90
CA PRO A 139 -0.41 19.88 -14.11
C PRO A 139 -0.87 20.21 -12.70
N LEU A 140 0.10 20.19 -11.78
CA LEU A 140 -0.08 20.72 -10.42
C LEU A 140 0.87 21.91 -10.33
N ALA A 141 0.45 23.03 -10.92
CA ALA A 141 1.35 24.13 -11.17
C ALA A 141 1.82 24.78 -9.87
N PRO A 142 3.09 25.12 -9.75
CA PRO A 142 3.55 25.81 -8.55
C PRO A 142 3.05 27.25 -8.52
N SER A 143 2.69 27.71 -7.33
CA SER A 143 2.12 29.04 -7.13
C SER A 143 2.55 29.53 -5.75
N SER A 144 2.09 30.73 -5.39
CA SER A 144 2.40 31.25 -4.05
C SER A 144 1.85 30.34 -2.95
N LYS A 145 0.68 29.75 -3.19
CA LYS A 145 0.05 28.83 -2.26
C LYS A 145 0.60 27.43 -2.36
N SER A 146 1.53 27.19 -3.28
CA SER A 146 2.33 25.98 -3.33
C SER A 146 3.81 26.29 -3.04
N THR A 147 4.08 27.38 -2.31
CA THR A 147 5.43 27.78 -2.00
C THR A 147 5.57 28.04 -0.50
N SER A 148 6.79 27.80 0.01
CA SER A 148 7.06 27.95 1.44
C SER A 148 8.53 28.34 1.60
N GLY A 149 8.77 29.60 1.93
CA GLY A 149 10.11 30.07 2.25
C GLY A 149 11.19 29.71 1.26
N GLY A 150 10.93 29.87 -0.03
CA GLY A 150 11.92 29.60 -1.05
C GLY A 150 11.91 28.19 -1.60
N THR A 151 11.00 27.34 -1.14
CA THR A 151 10.81 26.00 -1.70
C THR A 151 9.46 25.97 -2.38
N ALA A 152 9.45 25.56 -3.64
CA ALA A 152 8.23 25.45 -4.41
C ALA A 152 7.89 23.99 -4.63
N ALA A 153 6.58 23.71 -4.69
CA ALA A 153 6.07 22.37 -4.95
C ALA A 153 5.28 22.38 -6.25
N LEU A 154 5.48 21.34 -7.05
CA LEU A 154 4.78 21.18 -8.31
C LEU A 154 4.66 19.68 -8.59
N GLY A 155 3.73 19.32 -9.45
CA GLY A 155 3.51 17.91 -9.67
C GLY A 155 2.67 17.65 -10.89
N CYS A 156 2.24 16.39 -11.01
CA CYS A 156 1.38 15.94 -12.09
C CYS A 156 0.30 15.05 -11.52
N LEU A 157 -0.97 15.40 -11.78
CA LEU A 157 -2.09 14.56 -11.38
C LEU A 157 -2.37 13.57 -12.50
N VAL A 158 -2.14 12.29 -12.24
CA VAL A 158 -2.32 11.25 -13.24
C VAL A 158 -3.68 10.63 -12.93
N LYS A 159 -4.71 11.15 -13.60
CA LYS A 159 -6.09 10.91 -13.20
C LYS A 159 -6.79 9.96 -14.16
N ASP A 160 -7.67 9.14 -13.60
CA ASP A 160 -8.67 8.39 -14.36
C ASP A 160 -7.98 7.43 -15.35
N TYR A 161 -7.29 6.44 -14.79
CA TYR A 161 -6.70 5.38 -15.61
C TYR A 161 -7.10 4.02 -15.06
N PHE A 162 -7.09 3.01 -15.94
CA PHE A 162 -7.39 1.63 -15.56
C PHE A 162 -6.79 0.65 -16.57
N PRO A 163 -6.14 -0.43 -16.12
CA PRO A 163 -5.88 -0.73 -14.71
C PRO A 163 -4.50 -0.28 -14.30
N GLU A 164 -4.09 -0.60 -13.09
CA GLU A 164 -2.74 -0.34 -12.66
C GLU A 164 -1.81 -1.24 -13.47
N PRO A 165 -0.51 -0.89 -13.58
CA PRO A 165 0.13 0.29 -12.98
C PRO A 165 0.37 1.47 -13.93
N VAL A 166 0.77 2.60 -13.34
CA VAL A 166 1.30 3.75 -14.05
C VAL A 166 2.66 4.06 -13.43
N THR A 167 3.65 4.35 -14.26
CA THR A 167 4.95 4.79 -13.80
C THR A 167 5.16 6.26 -14.12
N VAL A 168 5.92 6.93 -13.26
CA VAL A 168 6.21 8.36 -13.42
C VAL A 168 7.66 8.62 -13.01
N SER A 169 8.38 9.34 -13.86
CA SER A 169 9.69 9.91 -13.56
C SER A 169 9.66 11.39 -13.91
N TRP A 170 10.75 12.10 -13.59
CA TRP A 170 10.83 13.54 -13.83
C TRP A 170 12.07 13.87 -14.64
N ASN A 171 11.87 14.66 -15.69
CA ASN A 171 12.93 15.01 -16.65
C ASN A 171 13.67 13.76 -17.10
N SER A 172 12.90 12.71 -17.43
CA SER A 172 13.45 11.45 -17.90
C SER A 172 14.39 10.80 -16.90
N GLY A 173 14.17 11.03 -15.60
CA GLY A 173 14.98 10.44 -14.57
C GLY A 173 16.15 11.27 -14.11
N ALA A 174 16.41 12.41 -14.75
CA ALA A 174 17.49 13.27 -14.29
C ALA A 174 17.14 14.01 -13.02
N LEU A 175 15.90 13.92 -12.55
CA LEU A 175 15.46 14.57 -11.31
C LEU A 175 14.84 13.53 -10.39
N THR A 176 15.55 13.20 -9.32
CA THR A 176 15.09 12.23 -8.34
C THR A 176 14.99 12.79 -6.94
N SER A 177 15.88 13.70 -6.55
CA SER A 177 15.85 14.29 -5.22
C SER A 177 14.64 15.20 -5.05
N GLY A 178 13.83 14.90 -4.04
CA GLY A 178 12.65 15.69 -3.75
C GLY A 178 11.41 15.23 -4.47
N VAL A 179 11.45 14.07 -5.11
CA VAL A 179 10.29 13.48 -5.77
C VAL A 179 9.52 12.62 -4.79
N HIS A 180 8.20 12.77 -4.79
CA HIS A 180 7.31 11.89 -4.04
C HIS A 180 6.20 11.48 -4.99
N THR A 181 6.20 10.22 -5.41
CA THR A 181 5.16 9.64 -6.25
C THR A 181 4.31 8.75 -5.36
N PHE A 182 3.12 9.21 -5.05
CA PHE A 182 2.26 8.61 -4.06
C PHE A 182 1.58 7.35 -4.56
N PRO A 183 1.25 6.41 -3.65
CA PRO A 183 0.40 5.28 -4.04
C PRO A 183 -0.88 5.77 -4.70
N ALA A 184 -1.36 5.00 -5.67
CA ALA A 184 -2.60 5.33 -6.35
C ALA A 184 -3.77 5.10 -5.42
N VAL A 185 -4.93 5.62 -5.82
CA VAL A 185 -6.17 5.43 -5.09
C VAL A 185 -7.24 5.00 -6.09
N LEU A 186 -8.19 4.20 -5.63
CA LEU A 186 -9.30 3.72 -6.45
C LEU A 186 -10.48 4.66 -6.22
N GLN A 187 -10.84 5.42 -7.24
CA GLN A 187 -11.94 6.37 -7.09
C GLN A 187 -13.26 5.62 -7.10
N SER A 188 -14.30 6.30 -6.58
CA SER A 188 -15.63 5.71 -6.60
C SER A 188 -16.01 5.23 -8.00
N SER A 189 -15.51 5.90 -9.03
CA SER A 189 -15.79 5.51 -10.42
C SER A 189 -15.11 4.22 -10.84
N GLY A 190 -14.26 3.64 -10.00
CA GLY A 190 -13.51 2.46 -10.37
C GLY A 190 -12.25 2.73 -11.18
N LEU A 191 -12.01 3.96 -11.59
CA LEU A 191 -10.75 4.32 -12.21
C LEU A 191 -9.77 4.81 -11.16
N TYR A 192 -8.49 4.61 -11.43
CA TYR A 192 -7.44 4.94 -10.49
C TYR A 192 -6.98 6.39 -10.69
N SER A 193 -6.20 6.88 -9.71
CA SER A 193 -5.66 8.22 -9.77
C SER A 193 -4.50 8.33 -8.80
N LEU A 194 -3.37 8.90 -9.26
CA LEU A 194 -2.21 9.07 -8.40
C LEU A 194 -1.60 10.42 -8.70
N SER A 195 -0.81 10.92 -7.75
CA SER A 195 -0.06 12.15 -7.91
C SER A 195 1.42 11.90 -7.68
N SER A 196 2.25 12.71 -8.33
CA SER A 196 3.69 12.72 -8.15
C SER A 196 4.12 14.17 -8.03
N VAL A 197 4.83 14.50 -6.95
CA VAL A 197 5.16 15.88 -6.62
C VAL A 197 6.67 15.98 -6.43
N VAL A 198 7.23 17.13 -6.82
CA VAL A 198 8.62 17.45 -6.55
C VAL A 198 8.69 18.78 -5.81
N THR A 199 9.67 18.90 -4.91
CA THR A 199 10.03 20.16 -4.29
C THR A 199 11.32 20.67 -4.91
N VAL A 200 11.30 21.91 -5.38
CA VAL A 200 12.46 22.52 -6.05
C VAL A 200 12.65 23.92 -5.49
N PRO A 201 13.83 24.50 -5.67
CA PRO A 201 14.01 25.91 -5.28
C PRO A 201 13.00 26.80 -6.02
N SER A 202 12.48 27.80 -5.30
CA SER A 202 11.60 28.78 -5.93
C SER A 202 12.29 29.49 -7.09
N SER A 203 13.52 29.96 -6.85
CA SER A 203 14.23 30.75 -7.86
C SER A 203 14.53 29.98 -9.12
N SER A 204 14.41 28.64 -9.10
CA SER A 204 14.70 27.83 -10.27
C SER A 204 13.49 27.73 -11.20
N LEU A 205 12.34 28.27 -10.79
CA LEU A 205 11.11 28.06 -11.53
C LEU A 205 11.22 28.64 -12.93
N GLY A 206 11.69 29.88 -13.05
CA GLY A 206 11.79 30.50 -14.36
C GLY A 206 12.93 30.01 -15.22
N THR A 207 13.81 29.18 -14.68
CA THR A 207 14.98 28.70 -15.40
C THR A 207 14.91 27.22 -15.75
N GLN A 208 14.59 26.36 -14.80
CA GLN A 208 14.60 24.93 -15.02
C GLN A 208 13.23 24.44 -15.47
N THR A 209 13.22 23.56 -16.46
CA THR A 209 11.98 23.01 -17.01
C THR A 209 11.66 21.71 -16.28
N TYR A 210 10.39 21.54 -15.93
CA TYR A 210 9.95 20.41 -15.13
C TYR A 210 8.90 19.63 -15.90
N ILE A 211 9.24 18.40 -16.25
CA ILE A 211 8.41 17.53 -17.07
C ILE A 211 8.24 16.21 -16.33
N CYS A 212 7.00 15.75 -16.20
CA CYS A 212 6.72 14.43 -15.64
C CYS A 212 6.47 13.49 -16.81
N ASN A 213 7.19 12.37 -16.81
CA ASN A 213 7.10 11.39 -17.88
C ASN A 213 6.22 10.26 -17.37
N VAL A 214 5.01 10.16 -17.91
CA VAL A 214 4.00 9.21 -17.46
C VAL A 214 3.88 8.11 -18.49
N ASN A 215 3.74 6.87 -17.99
CA ASN A 215 3.64 5.70 -18.83
C ASN A 215 2.57 4.78 -18.24
N HIS A 216 1.57 4.48 -19.07
CA HIS A 216 0.48 3.57 -18.73
C HIS A 216 0.47 2.47 -19.79
N LYS A 217 1.31 1.45 -19.57
CA LYS A 217 1.49 0.44 -20.60
C LYS A 217 0.20 -0.34 -20.91
N PRO A 218 -0.66 -0.64 -19.95
CA PRO A 218 -1.90 -1.34 -20.32
C PRO A 218 -2.73 -0.64 -21.41
N SER A 219 -2.64 0.69 -21.52
CA SER A 219 -3.35 1.44 -22.55
C SER A 219 -2.43 1.94 -23.66
N ASN A 220 -1.16 1.55 -23.63
CA ASN A 220 -0.19 2.00 -24.62
C ASN A 220 -0.17 3.53 -24.67
N THR A 221 -0.11 4.15 -23.49
CA THR A 221 -0.14 5.61 -23.41
C THR A 221 1.13 6.05 -22.69
N LYS A 222 1.97 6.83 -23.39
CA LYS A 222 3.15 7.49 -22.81
C LYS A 222 2.86 9.00 -22.99
N VAL A 223 2.95 9.84 -21.91
CA VAL A 223 2.71 11.30 -21.92
C VAL A 223 3.83 12.00 -21.16
N ASP A 224 4.45 13.00 -21.80
CA ASP A 224 5.40 13.92 -21.17
C ASP A 224 4.71 15.26 -20.98
N LYS A 225 4.55 15.67 -19.73
CA LYS A 225 3.76 16.83 -19.36
C LYS A 225 4.66 17.87 -18.71
N LYS A 226 4.80 19.02 -19.36
CA LYS A 226 5.57 20.12 -18.80
C LYS A 226 4.70 20.88 -17.81
N VAL A 227 5.26 21.22 -16.67
CA VAL A 227 4.53 21.82 -15.55
C VAL A 227 5.12 23.20 -15.34
N GLU A 228 4.43 24.24 -15.79
CA GLU A 228 4.96 25.58 -15.65
C GLU A 228 4.12 26.40 -14.68
N PRO A 229 4.70 27.43 -14.07
CA PRO A 229 4.03 28.11 -12.94
C PRO A 229 2.77 28.84 -13.36
N LYS A 230 2.05 29.33 -12.35
CA LYS A 230 0.93 30.25 -12.57
C LYS A 230 1.21 31.58 -11.85
N ASP B 1 -14.47 -19.01 14.56
CA ASP B 1 -13.11 -19.55 14.24
C ASP B 1 -12.04 -18.80 15.04
N ILE B 2 -10.78 -19.12 14.73
CA ILE B 2 -9.63 -18.61 15.46
C ILE B 2 -9.25 -17.25 14.89
N GLN B 3 -9.29 -16.22 15.72
CA GLN B 3 -8.95 -14.86 15.32
C GLN B 3 -7.87 -14.33 16.25
N MET B 4 -6.95 -13.53 15.71
CA MET B 4 -5.81 -13.13 16.50
C MET B 4 -5.64 -11.62 16.51
N THR B 5 -5.31 -11.10 17.69
CA THR B 5 -4.95 -9.70 17.88
C THR B 5 -3.45 -9.47 17.72
N GLN B 6 -3.10 -8.28 17.22
CA GLN B 6 -1.72 -7.82 17.19
C GLN B 6 -1.65 -6.42 17.80
N SER B 7 -0.90 -6.30 18.90
CA SER B 7 -0.72 -5.05 19.62
C SER B 7 0.76 -4.72 19.66
N PRO B 8 1.14 -3.45 19.43
CA PRO B 8 0.23 -2.37 19.02
C PRO B 8 -0.17 -2.49 17.55
N SER B 9 -0.80 -1.44 17.00
CA SER B 9 -1.07 -1.39 15.58
C SER B 9 0.10 -0.79 14.80
N SER B 10 0.88 0.08 15.44
CA SER B 10 2.10 0.63 14.85
C SER B 10 3.07 0.92 15.98
N LEU B 11 4.38 0.80 15.70
CA LEU B 11 5.38 1.00 16.74
C LEU B 11 6.54 1.80 16.15
N SER B 12 7.20 2.59 16.98
CA SER B 12 8.35 3.40 16.56
C SER B 12 9.43 3.28 17.61
N ALA B 13 10.65 2.95 17.17
CA ALA B 13 11.80 2.90 18.05
C ALA B 13 13.04 3.30 17.27
N SER B 14 14.07 3.71 17.99
CA SER B 14 15.30 4.18 17.35
C SER B 14 16.20 2.99 17.01
N VAL B 15 17.19 3.26 16.17
CA VAL B 15 18.10 2.19 15.76
C VAL B 15 18.95 1.78 16.95
N GLY B 16 18.93 0.51 17.28
CA GLY B 16 19.61 0.00 18.44
C GLY B 16 18.72 -0.22 19.65
N ASP B 17 17.45 0.19 19.60
CA ASP B 17 16.53 0.02 20.71
C ASP B 17 15.90 -1.38 20.64
N SER B 18 15.25 -1.74 21.73
CA SER B 18 14.57 -3.02 21.86
C SER B 18 13.10 -2.87 21.50
N VAL B 19 12.67 -3.62 20.49
CA VAL B 19 11.30 -3.60 20.00
C VAL B 19 10.58 -4.86 20.47
N THR B 20 9.52 -4.69 21.26
CA THR B 20 8.69 -5.81 21.73
C THR B 20 7.26 -5.61 21.21
N ILE B 21 6.72 -6.67 20.61
CA ILE B 21 5.40 -6.63 19.96
C ILE B 21 4.58 -7.84 20.38
N THR B 22 3.28 -7.65 20.61
CA THR B 22 2.42 -8.68 21.16
C THR B 22 1.35 -9.11 20.16
N CYS B 23 0.93 -10.36 20.33
CA CYS B 23 -0.04 -11.06 19.50
C CYS B 23 -0.82 -11.93 20.46
N GLN B 24 -2.13 -11.95 20.29
CA GLN B 24 -3.07 -12.62 21.15
C GLN B 24 -3.99 -13.48 20.32
N ALA B 25 -4.52 -14.52 20.95
CA ALA B 25 -5.39 -15.45 20.26
C ALA B 25 -6.75 -15.47 20.94
N SER B 26 -7.75 -15.90 20.18
CA SER B 26 -9.07 -16.20 20.72
C SER B 26 -9.17 -17.64 21.20
N GLN B 27 -8.04 -18.23 21.59
CA GLN B 27 -7.97 -19.60 22.07
C GLN B 27 -6.61 -19.80 22.72
N ASP B 28 -6.51 -20.86 23.51
CA ASP B 28 -5.20 -21.33 23.98
C ASP B 28 -4.50 -22.06 22.84
N ILE B 29 -3.59 -21.38 22.14
CA ILE B 29 -2.85 -21.97 21.03
C ILE B 29 -1.46 -22.44 21.47
N ASN B 30 -1.25 -22.64 22.78
CA ASN B 30 0.01 -23.18 23.30
C ASN B 30 1.21 -22.43 22.75
N GLN B 31 1.88 -22.97 21.73
CA GLN B 31 3.05 -22.30 21.18
C GLN B 31 3.04 -22.49 19.66
N PHE B 32 1.87 -22.62 19.05
CA PHE B 32 1.79 -22.97 17.62
C PHE B 32 1.64 -21.69 16.80
N VAL B 33 2.69 -20.87 16.77
CA VAL B 33 2.65 -19.65 15.97
C VAL B 33 3.89 -19.50 15.11
N SER B 34 3.71 -18.77 14.01
CA SER B 34 4.81 -18.24 13.22
C SER B 34 4.70 -16.72 13.23
N TRP B 35 5.83 -16.09 12.92
CA TRP B 35 5.87 -14.65 12.75
C TRP B 35 6.53 -14.35 11.41
N TYR B 36 5.97 -13.41 10.67
CA TYR B 36 6.51 -13.02 9.38
C TYR B 36 6.81 -11.54 9.32
N GLN B 37 7.83 -11.21 8.53
CA GLN B 37 8.20 -9.83 8.22
C GLN B 37 8.00 -9.59 6.72
N GLN B 38 7.31 -8.51 6.39
CA GLN B 38 7.00 -8.16 5.01
C GLN B 38 7.30 -6.68 4.77
N LYS B 39 8.04 -6.42 3.72
CA LYS B 39 8.46 -5.11 3.27
C LYS B 39 7.61 -4.68 2.07
N PRO B 40 7.56 -3.39 1.78
CA PRO B 40 6.68 -2.92 0.71
C PRO B 40 6.93 -3.64 -0.61
N GLY B 41 5.84 -4.04 -1.26
CA GLY B 41 5.92 -4.69 -2.55
C GLY B 41 6.56 -6.06 -2.58
N LYS B 42 6.88 -6.65 -1.44
CA LYS B 42 7.61 -7.90 -1.38
C LYS B 42 6.77 -8.97 -0.69
N PRO B 43 7.04 -10.25 -0.95
CA PRO B 43 6.31 -11.32 -0.26
C PRO B 43 6.74 -11.40 1.20
N PRO B 44 5.91 -11.97 2.07
CA PRO B 44 6.33 -12.15 3.47
C PRO B 44 7.58 -13.01 3.57
N LYS B 45 8.34 -12.79 4.64
CA LYS B 45 9.52 -13.60 4.95
C LYS B 45 9.29 -14.24 6.32
N LEU B 46 9.43 -15.56 6.40
CA LEU B 46 9.24 -16.25 7.65
C LEU B 46 10.45 -16.05 8.54
N LEU B 47 10.20 -15.69 9.80
CA LEU B 47 11.22 -15.38 10.78
C LEU B 47 11.27 -16.38 11.92
N ILE B 48 10.11 -16.72 12.49
CA ILE B 48 10.03 -17.59 13.65
C ILE B 48 8.88 -18.56 13.49
N TYR B 49 9.08 -19.81 13.91
CA TYR B 49 8.02 -20.81 13.98
C TYR B 49 8.02 -21.48 15.34
N ASP B 50 6.87 -22.04 15.70
CA ASP B 50 6.68 -22.66 17.00
C ASP B 50 7.03 -21.67 18.11
N ALA B 51 6.70 -20.39 17.87
CA ALA B 51 6.79 -19.31 18.85
C ALA B 51 8.18 -18.83 19.20
N SER B 52 9.17 -19.73 19.16
CA SER B 52 10.52 -19.40 19.59
C SER B 52 11.61 -19.87 18.66
N ASN B 53 11.35 -20.80 17.75
CA ASN B 53 12.37 -21.35 16.87
C ASN B 53 12.61 -20.38 15.73
N LEU B 54 13.82 -19.84 15.68
CA LEU B 54 14.23 -18.98 14.59
C LEU B 54 14.35 -19.80 13.31
N GLU B 55 14.15 -19.16 12.17
CA GLU B 55 14.43 -19.81 10.90
C GLU B 55 15.92 -19.73 10.58
N SER B 56 16.31 -20.43 9.53
CA SER B 56 17.70 -20.44 9.12
C SER B 56 18.05 -19.12 8.46
N GLY B 57 19.15 -18.50 8.90
CA GLY B 57 19.59 -17.24 8.35
C GLY B 57 18.95 -16.00 8.95
N VAL B 58 17.99 -16.14 9.85
CA VAL B 58 17.37 -14.98 10.48
C VAL B 58 18.26 -14.50 11.64
N PRO B 59 18.57 -13.21 11.72
CA PRO B 59 19.52 -12.74 12.74
C PRO B 59 19.10 -13.14 14.14
N SER B 60 20.10 -13.29 15.00
CA SER B 60 19.87 -13.65 16.39
C SER B 60 19.16 -12.56 17.17
N ARG B 61 19.16 -11.34 16.65
CA ARG B 61 18.47 -10.24 17.29
C ARG B 61 16.96 -10.33 17.21
N PHE B 62 16.44 -11.26 16.42
CA PHE B 62 15.02 -11.54 16.34
C PHE B 62 14.70 -12.70 17.26
N SER B 63 13.83 -12.45 18.24
CA SER B 63 13.50 -13.45 19.24
C SER B 63 12.02 -13.39 19.55
N GLY B 64 11.52 -14.50 20.08
CA GLY B 64 10.13 -14.61 20.45
C GLY B 64 9.98 -15.50 21.66
N SER B 65 8.86 -15.32 22.35
CA SER B 65 8.48 -16.20 23.45
C SER B 65 6.97 -16.30 23.46
N GLY B 66 6.46 -17.43 23.93
CA GLY B 66 5.04 -17.73 23.75
C GLY B 66 4.46 -18.49 24.91
N SER B 67 3.16 -18.30 25.11
CA SER B 67 2.51 -18.78 26.32
C SER B 67 1.01 -18.96 26.09
N GLY B 68 0.63 -19.75 25.09
CA GLY B 68 -0.75 -20.15 24.90
C GLY B 68 -1.67 -19.04 24.44
N THR B 69 -1.73 -17.95 25.19
CA THR B 69 -2.55 -16.80 24.83
C THR B 69 -1.74 -15.58 24.51
N HIS B 70 -0.65 -15.34 25.25
CA HIS B 70 0.14 -14.15 25.10
C HIS B 70 1.48 -14.51 24.46
N PHE B 71 1.85 -13.79 23.42
CA PHE B 71 3.02 -14.07 22.60
C PHE B 71 3.82 -12.80 22.38
N THR B 72 5.13 -12.89 22.44
CA THR B 72 5.97 -11.72 22.26
C THR B 72 7.03 -11.97 21.20
N PHE B 73 6.94 -11.23 20.09
CA PHE B 73 8.02 -11.14 19.13
C PHE B 73 8.84 -9.90 19.46
N THR B 74 10.16 -10.06 19.50
CA THR B 74 11.07 -9.01 19.97
C THR B 74 12.23 -8.84 19.00
N ILE B 75 12.43 -7.62 18.53
CA ILE B 75 13.67 -7.22 17.87
C ILE B 75 14.56 -6.56 18.91
N SER B 76 15.60 -7.29 19.34
CA SER B 76 16.38 -6.88 20.50
C SER B 76 17.30 -5.70 20.21
N SER B 77 17.63 -5.46 18.93
CA SER B 77 18.41 -4.28 18.55
C SER B 77 17.99 -3.90 17.14
N LEU B 78 17.09 -2.91 17.03
CA LEU B 78 16.50 -2.55 15.75
C LEU B 78 17.57 -2.02 14.80
N GLN B 79 17.65 -2.63 13.67
CA GLN B 79 18.48 -2.25 12.54
C GLN B 79 17.64 -1.58 11.47
N PRO B 80 18.27 -0.86 10.53
CA PRO B 80 17.49 -0.07 9.56
C PRO B 80 16.61 -0.98 8.63
N ASP B 81 17.07 -2.18 8.24
CA ASP B 81 16.27 -3.11 7.41
C ASP B 81 15.15 -3.80 8.18
N ASP B 82 14.94 -3.45 9.44
CA ASP B 82 13.84 -4.03 10.19
C ASP B 82 12.57 -3.22 10.03
N ILE B 83 12.64 -2.11 9.29
CA ILE B 83 11.47 -1.36 8.87
C ILE B 83 10.58 -2.29 8.07
N ALA B 84 9.42 -2.65 8.61
CA ALA B 84 8.52 -3.55 7.93
C ALA B 84 7.21 -3.62 8.71
N THR B 85 6.29 -4.43 8.20
CA THR B 85 5.10 -4.85 8.92
C THR B 85 5.30 -6.29 9.33
N TYR B 86 5.01 -6.60 10.59
CA TYR B 86 5.23 -7.93 11.15
C TYR B 86 3.90 -8.58 11.42
N TYR B 87 3.77 -9.83 11.02
CA TYR B 87 2.52 -10.55 11.16
C TYR B 87 2.75 -11.80 11.98
N CYS B 88 1.99 -11.96 13.05
CA CYS B 88 1.91 -13.24 13.72
C CYS B 88 0.85 -14.10 13.04
N GLN B 89 0.95 -15.40 13.26
CA GLN B 89 0.07 -16.36 12.61
C GLN B 89 -0.02 -17.61 13.47
N GLN B 90 -1.24 -18.09 13.68
CA GLN B 90 -1.52 -19.26 14.48
C GLN B 90 -1.66 -20.47 13.57
N TYR B 91 -1.38 -21.65 14.12
CA TYR B 91 -1.73 -22.89 13.42
C TYR B 91 -2.14 -24.00 14.39
N GLU B 92 -2.58 -23.68 15.61
CA GLU B 92 -3.13 -24.69 16.50
C GLU B 92 -4.36 -25.36 15.90
N ASN B 93 -5.06 -24.66 15.02
CA ASN B 93 -6.16 -25.24 14.25
C ASN B 93 -6.42 -24.31 13.08
N LEU B 94 -6.26 -24.83 11.86
CA LEU B 94 -6.33 -24.00 10.67
C LEU B 94 -5.24 -22.94 10.81
N PHE B 95 -5.33 -21.84 10.07
CA PHE B 95 -4.30 -20.81 10.04
C PHE B 95 -4.92 -19.44 9.82
N THR B 96 -4.59 -18.49 10.69
CA THR B 96 -5.09 -17.14 10.53
C THR B 96 -4.00 -16.13 10.83
N PHE B 97 -3.79 -15.18 9.93
CA PHE B 97 -2.84 -14.12 10.17
C PHE B 97 -3.45 -13.06 11.08
N GLY B 98 -2.61 -12.46 11.90
CA GLY B 98 -3.01 -11.32 12.69
C GLY B 98 -3.14 -10.10 11.82
N PRO B 99 -3.66 -9.00 12.38
CA PRO B 99 -3.78 -7.77 11.57
C PRO B 99 -2.42 -7.21 11.18
N GLY B 100 -1.40 -7.40 12.00
CA GLY B 100 -0.07 -6.94 11.69
C GLY B 100 0.31 -5.71 12.51
N THR B 101 1.59 -5.37 12.45
CA THR B 101 2.07 -4.21 13.18
C THR B 101 3.22 -3.57 12.41
N LYS B 102 3.06 -2.30 12.04
CA LYS B 102 4.12 -1.58 11.33
C LYS B 102 5.16 -1.08 12.32
N VAL B 103 6.42 -1.21 11.94
CA VAL B 103 7.55 -0.70 12.71
C VAL B 103 8.34 0.27 11.82
N ASP B 104 8.45 1.51 12.26
CA ASP B 104 9.28 2.51 11.57
C ASP B 104 10.33 3.05 12.53
N ILE B 105 11.32 3.76 11.99
CA ILE B 105 12.38 4.35 12.80
C ILE B 105 11.87 5.62 13.46
N LYS B 106 12.20 5.77 14.73
CA LYS B 106 11.79 6.93 15.49
C LYS B 106 12.79 8.05 15.28
N ARG B 107 12.28 9.19 14.85
CA ARG B 107 13.06 10.41 14.72
C ARG B 107 12.30 11.55 15.40
N THR B 108 12.97 12.70 15.56
CA THR B 108 12.30 13.84 16.14
C THR B 108 11.08 14.24 15.31
N VAL B 109 10.09 14.84 16.00
CA VAL B 109 8.88 15.27 15.33
C VAL B 109 9.21 16.30 14.25
N ALA B 110 8.53 16.19 13.11
CA ALA B 110 8.65 17.17 12.03
C ALA B 110 7.26 17.53 11.53
N ALA B 111 6.90 18.81 11.65
CA ALA B 111 5.60 19.24 11.16
C ALA B 111 5.57 19.20 9.63
N PRO B 112 4.40 18.95 9.04
CA PRO B 112 4.33 18.90 7.58
C PRO B 112 4.37 20.28 6.95
N SER B 113 5.10 20.38 5.84
CA SER B 113 5.01 21.56 4.99
C SER B 113 3.80 21.36 4.08
N VAL B 114 2.84 22.27 4.15
CA VAL B 114 1.56 22.11 3.48
C VAL B 114 1.55 22.93 2.21
N PHE B 115 1.09 22.32 1.13
CA PHE B 115 0.97 22.98 -0.17
C PHE B 115 -0.40 22.60 -0.73
N ILE B 116 -1.02 23.52 -1.45
CA ILE B 116 -2.37 23.30 -1.98
C ILE B 116 -2.41 23.74 -3.44
N PHE B 117 -3.08 22.95 -4.27
CA PHE B 117 -3.11 23.19 -5.72
C PHE B 117 -4.55 23.31 -6.19
N PRO B 118 -4.97 24.45 -6.74
CA PRO B 118 -6.30 24.53 -7.35
C PRO B 118 -6.39 23.61 -8.55
N PRO B 119 -7.59 23.29 -9.01
CA PRO B 119 -7.70 22.45 -10.21
C PRO B 119 -7.24 23.19 -11.45
N SER B 120 -6.54 22.49 -12.33
CA SER B 120 -6.02 23.11 -13.55
C SER B 120 -7.17 23.52 -14.46
N ASP B 121 -6.91 24.54 -15.29
CA ASP B 121 -7.93 24.95 -16.25
C ASP B 121 -8.12 23.89 -17.33
N GLU B 122 -7.07 23.11 -17.62
CA GLU B 122 -7.22 21.95 -18.48
C GLU B 122 -8.27 20.99 -17.92
N GLN B 123 -8.15 20.63 -16.63
CA GLN B 123 -9.10 19.69 -16.06
C GLN B 123 -10.51 20.26 -16.02
N LEU B 124 -10.64 21.56 -15.71
CA LEU B 124 -11.95 22.18 -15.65
C LEU B 124 -12.67 22.09 -16.99
N LYS B 125 -11.92 22.15 -18.10
CA LYS B 125 -12.52 21.93 -19.41
C LYS B 125 -13.08 20.53 -19.52
N SER B 126 -12.47 19.56 -18.82
CA SER B 126 -12.92 18.18 -18.90
C SER B 126 -14.29 18.00 -18.29
N GLY B 127 -14.67 18.85 -17.34
CA GLY B 127 -15.92 18.71 -16.62
C GLY B 127 -15.78 18.22 -15.20
N THR B 128 -14.56 18.10 -14.69
CA THR B 128 -14.32 17.74 -13.31
C THR B 128 -13.33 18.71 -12.68
N ALA B 129 -13.24 18.67 -11.36
CA ALA B 129 -12.28 19.48 -10.63
C ALA B 129 -11.71 18.65 -9.48
N SER B 130 -10.39 18.52 -9.45
CA SER B 130 -9.68 17.91 -8.34
C SER B 130 -8.83 18.98 -7.67
N VAL B 131 -8.99 19.11 -6.35
CA VAL B 131 -8.16 20.00 -5.54
C VAL B 131 -7.22 19.12 -4.72
N VAL B 132 -5.92 19.45 -4.74
CA VAL B 132 -4.89 18.57 -4.21
C VAL B 132 -4.18 19.30 -3.07
N CYS B 133 -4.03 18.62 -1.94
CA CYS B 133 -3.32 19.14 -0.79
C CYS B 133 -2.17 18.20 -0.47
N LEU B 134 -0.95 18.75 -0.39
CA LEU B 134 0.25 17.95 -0.18
C LEU B 134 0.84 18.31 1.18
N LEU B 135 1.09 17.29 2.00
CA LEU B 135 1.71 17.41 3.31
C LEU B 135 3.07 16.72 3.21
N ASN B 136 4.15 17.47 3.42
CA ASN B 136 5.49 17.01 3.04
C ASN B 136 6.45 16.88 4.22
N ASN B 137 7.12 15.73 4.29
CA ASN B 137 8.29 15.49 5.11
C ASN B 137 7.96 15.70 6.60
N PHE B 138 6.97 14.95 7.07
CA PHE B 138 6.52 15.03 8.45
C PHE B 138 6.78 13.70 9.16
N TYR B 139 6.78 13.76 10.49
CA TYR B 139 6.91 12.61 11.36
C TYR B 139 6.32 12.94 12.70
N PRO B 140 5.51 12.08 13.32
CA PRO B 140 5.23 10.69 12.89
C PRO B 140 4.19 10.61 11.77
N ARG B 141 3.84 9.37 11.39
CA ARG B 141 3.04 9.17 10.17
C ARG B 141 1.64 9.75 10.33
N GLU B 142 1.11 9.78 11.56
CA GLU B 142 -0.27 10.18 11.78
C GLU B 142 -0.43 11.66 11.49
N ALA B 143 -1.33 11.94 10.54
CA ALA B 143 -1.76 13.29 10.19
C ALA B 143 -3.22 13.16 9.76
N LYS B 144 -3.94 14.31 9.89
CA LYS B 144 -5.35 14.42 9.49
C LYS B 144 -5.48 15.59 8.51
N VAL B 145 -6.16 15.32 7.38
CA VAL B 145 -6.49 16.34 6.38
C VAL B 145 -8.00 16.51 6.46
N GLN B 146 -8.46 17.77 6.47
CA GLN B 146 -9.88 18.12 6.58
C GLN B 146 -10.14 19.16 5.52
N TRP B 147 -10.94 18.77 4.51
CA TRP B 147 -11.31 19.66 3.41
C TRP B 147 -12.51 20.49 3.80
N LYS B 148 -12.45 21.78 3.47
CA LYS B 148 -13.53 22.73 3.66
C LYS B 148 -13.76 23.54 2.40
N VAL B 149 -15.03 23.74 2.09
CA VAL B 149 -15.42 24.51 0.92
C VAL B 149 -16.42 25.56 1.41
N ASP B 150 -16.00 26.81 1.39
CA ASP B 150 -16.71 27.94 2.05
C ASP B 150 -17.00 27.60 3.56
N ASN B 151 -16.01 27.02 4.24
CA ASN B 151 -16.04 26.41 5.67
C ASN B 151 -16.76 25.03 5.84
N ALA B 152 -17.52 24.55 4.89
CA ALA B 152 -18.06 23.18 5.07
C ALA B 152 -17.18 21.88 5.09
N LEU B 153 -17.36 21.14 6.15
CA LEU B 153 -16.58 19.94 6.30
C LEU B 153 -16.90 18.94 5.16
N GLN B 154 -15.87 18.60 4.34
CA GLN B 154 -16.01 17.61 3.26
C GLN B 154 -15.73 16.28 3.94
N SER B 155 -16.56 15.30 3.68
CA SER B 155 -16.43 14.00 4.32
C SER B 155 -16.94 12.99 3.33
N GLY B 156 -16.04 12.12 2.86
CA GLY B 156 -16.39 11.04 1.97
C GLY B 156 -16.17 11.30 0.51
N ASN B 157 -15.78 12.53 0.13
CA ASN B 157 -15.53 12.84 -1.28
C ASN B 157 -14.05 13.18 -1.53
N SER B 158 -13.16 12.71 -0.66
CA SER B 158 -11.73 12.88 -0.83
C SER B 158 -11.06 11.52 -0.64
N GLN B 159 -9.84 11.42 -1.17
CA GLN B 159 -9.01 10.24 -1.02
C GLN B 159 -7.57 10.69 -0.84
N GLU B 160 -6.81 9.89 -0.11
CA GLU B 160 -5.43 10.25 0.23
C GLU B 160 -4.55 9.01 0.22
N SER B 161 -3.24 9.24 0.17
CA SER B 161 -2.28 8.15 0.26
C SER B 161 -0.96 8.73 0.75
N VAL B 162 -0.12 7.85 1.28
CA VAL B 162 1.08 8.24 1.99
C VAL B 162 2.27 7.49 1.41
N THR B 163 3.42 8.14 1.37
CA THR B 163 4.63 7.45 0.96
C THR B 163 5.13 6.55 2.10
N GLU B 164 6.12 5.72 1.77
CA GLU B 164 6.81 4.97 2.82
C GLU B 164 7.88 5.86 3.45
N GLN B 165 8.26 5.52 4.67
CA GLN B 165 9.25 6.31 5.39
C GLN B 165 10.49 6.51 4.52
N ASP B 166 10.81 7.76 4.22
CA ASP B 166 11.92 8.05 3.31
C ASP B 166 13.20 7.42 3.85
N SER B 167 14.02 6.90 2.93
CA SER B 167 15.18 6.09 3.30
C SER B 167 16.31 6.89 3.96
N LYS B 168 16.31 8.21 3.83
CA LYS B 168 17.43 9.04 4.27
C LYS B 168 17.07 10.16 5.22
N ASP B 169 15.82 10.63 5.24
CA ASP B 169 15.37 11.58 6.25
C ASP B 169 14.33 11.00 7.19
N SER B 170 13.81 9.79 6.90
CA SER B 170 12.87 9.08 7.76
C SER B 170 11.52 9.78 7.90
N THR B 171 11.13 10.62 6.95
CA THR B 171 9.85 11.31 7.02
C THR B 171 8.83 10.65 6.10
N TYR B 172 7.57 11.03 6.28
CA TYR B 172 6.48 10.64 5.40
C TYR B 172 6.01 11.85 4.62
N SER B 173 5.33 11.60 3.49
CA SER B 173 4.60 12.62 2.77
C SER B 173 3.22 12.09 2.42
N LEU B 174 2.26 12.99 2.33
CA LEU B 174 0.86 12.64 2.09
C LEU B 174 0.27 13.55 1.03
N SER B 175 -0.60 12.98 0.20
CA SER B 175 -1.31 13.74 -0.82
C SER B 175 -2.80 13.39 -0.76
N SER B 176 -3.63 14.42 -0.71
CA SER B 176 -5.08 14.28 -0.65
C SER B 176 -5.67 15.09 -1.80
N THR B 177 -6.62 14.51 -2.52
CA THR B 177 -7.33 15.19 -3.59
C THR B 177 -8.82 15.20 -3.25
N LEU B 178 -9.43 16.38 -3.34
CA LEU B 178 -10.86 16.54 -3.18
C LEU B 178 -11.48 16.52 -4.57
N THR B 179 -12.37 15.56 -4.81
CA THR B 179 -13.08 15.46 -6.08
C THR B 179 -14.44 16.14 -5.93
N LEU B 180 -14.77 17.00 -6.89
CA LEU B 180 -16.10 17.57 -6.96
C LEU B 180 -16.38 18.03 -8.39
N SER B 181 -17.65 18.01 -8.76
CA SER B 181 -18.05 18.39 -10.10
C SER B 181 -17.60 19.80 -10.42
N LYS B 182 -17.33 20.04 -11.70
CA LYS B 182 -17.04 21.39 -12.15
C LYS B 182 -18.16 22.33 -11.74
N ALA B 183 -19.42 21.90 -11.92
CA ALA B 183 -20.54 22.75 -11.56
C ALA B 183 -20.55 23.09 -10.08
N ASP B 184 -20.26 22.12 -9.21
CA ASP B 184 -20.13 22.43 -7.80
C ASP B 184 -18.90 23.27 -7.52
N TYR B 185 -17.81 23.03 -8.26
CA TYR B 185 -16.60 23.81 -8.05
C TYR B 185 -16.85 25.28 -8.34
N GLU B 186 -17.49 25.58 -9.48
CA GLU B 186 -17.74 26.96 -9.87
C GLU B 186 -18.76 27.64 -8.96
N LYS B 187 -19.41 26.88 -8.07
CA LYS B 187 -20.46 27.39 -7.20
C LYS B 187 -19.96 27.82 -5.82
N HIS B 188 -18.69 27.60 -5.49
CA HIS B 188 -18.17 27.89 -4.18
C HIS B 188 -16.88 28.66 -4.32
N LYS B 189 -16.50 29.36 -3.26
CA LYS B 189 -15.47 30.37 -3.36
C LYS B 189 -14.16 29.92 -2.71
N VAL B 190 -14.21 29.64 -1.43
CA VAL B 190 -13.03 29.39 -0.61
C VAL B 190 -12.82 27.89 -0.51
N TYR B 191 -11.64 27.43 -0.90
CA TYR B 191 -11.27 26.03 -0.81
C TYR B 191 -10.06 25.94 0.12
N ALA B 192 -10.16 25.09 1.14
CA ALA B 192 -9.18 25.06 2.21
C ALA B 192 -8.84 23.64 2.59
N CYS B 193 -7.58 23.42 2.96
CA CYS B 193 -7.08 22.16 3.46
C CYS B 193 -6.45 22.47 4.81
N GLU B 194 -6.97 21.86 5.87
CA GLU B 194 -6.58 22.17 7.25
C GLU B 194 -5.92 20.95 7.85
N VAL B 195 -4.66 21.08 8.21
CA VAL B 195 -3.83 19.94 8.59
C VAL B 195 -3.69 19.90 10.10
N THR B 196 -3.81 18.71 10.67
CA THR B 196 -3.59 18.45 12.08
C THR B 196 -2.40 17.50 12.19
N HIS B 197 -1.44 17.85 13.05
CA HIS B 197 -0.27 16.99 13.21
C HIS B 197 0.37 17.30 14.55
N GLN B 198 1.10 16.31 15.06
CA GLN B 198 1.69 16.45 16.38
C GLN B 198 2.65 17.63 16.42
N GLY B 199 3.35 17.90 15.32
CA GLY B 199 4.25 19.02 15.25
C GLY B 199 3.63 20.37 15.10
N LEU B 200 2.32 20.46 14.98
CA LEU B 200 1.61 21.73 14.87
C LEU B 200 0.87 21.98 16.19
N SER B 201 1.16 23.13 16.83
CA SER B 201 0.46 23.47 18.06
C SER B 201 -1.03 23.73 17.80
N SER B 202 -1.35 24.32 16.67
CA SER B 202 -2.70 24.59 16.20
C SER B 202 -2.79 24.15 14.75
N PRO B 203 -3.94 23.67 14.31
CA PRO B 203 -4.06 23.24 12.90
C PRO B 203 -3.65 24.33 11.94
N VAL B 204 -2.82 23.98 10.96
CA VAL B 204 -2.41 24.90 9.90
C VAL B 204 -3.40 24.77 8.75
N THR B 205 -3.82 25.91 8.19
CA THR B 205 -4.78 25.94 7.10
C THR B 205 -4.15 26.56 5.87
N LYS B 206 -4.21 25.84 4.75
CA LYS B 206 -3.83 26.33 3.43
C LYS B 206 -5.11 26.48 2.62
N SER B 207 -5.37 27.67 2.09
CA SER B 207 -6.63 27.92 1.40
C SER B 207 -6.38 28.83 0.20
N PHE B 208 -7.32 28.78 -0.75
CA PHE B 208 -7.31 29.68 -1.89
C PHE B 208 -8.75 30.01 -2.27
N ASN B 209 -8.91 31.13 -2.97
CA ASN B 209 -10.19 31.57 -3.52
C ASN B 209 -10.22 31.20 -5.00
N ARG B 210 -11.26 30.49 -5.43
CA ARG B 210 -11.40 30.15 -6.84
C ARG B 210 -11.24 31.39 -7.69
N GLY B 211 -10.09 31.52 -8.35
CA GLY B 211 -9.76 32.70 -9.11
C GLY B 211 -8.65 33.52 -8.49
#